data_2A4X
#
_entry.id   2A4X
#
_cell.length_a   47.248
_cell.length_b   52.405
_cell.length_c   107.862
_cell.angle_alpha   90.00
_cell.angle_beta   90.00
_cell.angle_gamma   90.00
#
_symmetry.space_group_name_H-M   'P 21 21 21'
#
loop_
_entity.id
_entity.type
_entity.pdbx_description
1 polymer 'Mitomycin-Binding Protein'
2 non-polymer 'BLEOMYCIN A2'
3 water water
#
_entity_poly.entity_id   1
_entity_poly.type   'polypeptide(L)'
_entity_poly.pdbx_seq_one_letter_code
;MSARISLFAVVVEDMAKSLEFYRKLGVEIPAEADSAPHTEAVLDGGIRLAWDTVETVRSYDPEWQAPTGGHRFAIAFEFP
DTASVDKKYAELVDAGYEGHLKPWNAVWGQRYAIVKDPDGNVVDLFAPLPLEHHHHHH
;
_entity_poly.pdbx_strand_id   A,B
#
# COMPACT_ATOMS: atom_id res chain seq x y z
N SER A 2 21.29 5.15 -1.25
CA SER A 2 19.99 5.38 -0.57
C SER A 2 18.87 4.63 -1.28
N ALA A 3 17.99 4.00 -0.50
CA ALA A 3 16.88 3.22 -1.06
C ALA A 3 15.78 4.08 -1.66
N ARG A 4 14.99 3.47 -2.53
CA ARG A 4 13.86 4.16 -3.13
C ARG A 4 12.72 3.17 -3.29
N ILE A 5 11.49 3.62 -3.05
CA ILE A 5 10.32 2.75 -3.17
C ILE A 5 10.12 2.41 -4.64
N SER A 6 10.18 1.11 -4.93
CA SER A 6 10.06 0.62 -6.30
C SER A 6 8.71 -0.04 -6.59
N LEU A 7 8.12 -0.66 -5.57
CA LEU A 7 6.83 -1.31 -5.74
C LEU A 7 6.02 -1.50 -4.47
N PHE A 8 4.71 -1.62 -4.66
CA PHE A 8 3.76 -1.81 -3.57
C PHE A 8 3.09 -3.13 -3.95
N ALA A 9 2.83 -3.99 -2.97
CA ALA A 9 2.21 -5.26 -3.29
C ALA A 9 1.05 -5.60 -2.37
N VAL A 10 0.08 -6.32 -2.91
CA VAL A 10 -1.08 -6.76 -2.13
C VAL A 10 -1.20 -8.28 -2.25
N VAL A 11 -1.58 -8.93 -1.15
CA VAL A 11 -1.75 -10.39 -1.13
C VAL A 11 -3.20 -10.69 -1.49
N VAL A 12 -3.41 -11.56 -2.47
CA VAL A 12 -4.76 -11.89 -2.92
C VAL A 12 -5.11 -13.37 -2.81
N GLU A 13 -6.37 -13.62 -2.45
CA GLU A 13 -6.87 -14.98 -2.32
C GLU A 13 -7.10 -15.54 -3.72
N ASP A 14 -7.60 -14.68 -4.62
CA ASP A 14 -7.88 -15.06 -6.00
C ASP A 14 -7.32 -14.00 -6.95
N MET A 15 -6.33 -14.38 -7.76
CA MET A 15 -5.72 -13.43 -8.68
C MET A 15 -6.71 -12.84 -9.69
N ALA A 16 -7.43 -13.71 -10.40
CA ALA A 16 -8.38 -13.22 -11.41
C ALA A 16 -9.40 -12.24 -10.82
N LYS A 17 -9.96 -12.58 -9.67
CA LYS A 17 -10.96 -11.72 -9.03
C LYS A 17 -10.40 -10.36 -8.65
N SER A 18 -9.20 -10.34 -8.07
CA SER A 18 -8.58 -9.09 -7.68
C SER A 18 -8.25 -8.26 -8.91
N LEU A 19 -7.66 -8.88 -9.92
CA LEU A 19 -7.29 -8.18 -11.14
C LEU A 19 -8.48 -7.53 -11.83
N GLU A 20 -9.61 -8.21 -11.89
CA GLU A 20 -10.78 -7.61 -12.57
C GLU A 20 -11.25 -6.34 -11.86
N PHE A 21 -11.16 -6.32 -10.53
CA PHE A 21 -11.57 -5.14 -9.79
C PHE A 21 -10.66 -3.96 -10.18
N TYR A 22 -9.35 -4.16 -10.15
CA TYR A 22 -8.43 -3.08 -10.48
C TYR A 22 -8.48 -2.65 -11.95
N ARG A 23 -8.86 -3.58 -12.82
CA ARG A 23 -8.96 -3.24 -14.24
C ARG A 23 -10.13 -2.26 -14.34
N LYS A 24 -11.11 -2.44 -13.46
CA LYS A 24 -12.30 -1.59 -13.42
C LYS A 24 -11.95 -0.18 -12.96
N LEU A 25 -10.79 -0.02 -12.31
CA LEU A 25 -10.36 1.28 -11.82
C LEU A 25 -9.29 1.94 -12.71
N GLY A 26 -9.17 1.45 -13.94
CA GLY A 26 -8.21 2.01 -14.88
C GLY A 26 -6.81 1.41 -14.94
N VAL A 27 -6.52 0.44 -14.08
CA VAL A 27 -5.19 -0.18 -14.07
C VAL A 27 -5.04 -1.12 -15.26
N GLU A 28 -4.00 -0.89 -16.05
CA GLU A 28 -3.73 -1.71 -17.22
C GLU A 28 -3.14 -3.07 -16.87
N ILE A 29 -3.97 -4.11 -16.99
CA ILE A 29 -3.54 -5.46 -16.68
C ILE A 29 -4.02 -6.47 -17.72
N PRO A 30 -3.07 -7.20 -18.34
CA PRO A 30 -3.46 -8.19 -19.35
C PRO A 30 -4.36 -9.29 -18.79
N ALA A 31 -5.26 -9.83 -19.63
CA ALA A 31 -6.16 -10.89 -19.23
C ALA A 31 -5.35 -12.12 -18.85
N GLU A 32 -4.24 -12.30 -19.55
CA GLU A 32 -3.34 -13.43 -19.34
C GLU A 32 -2.80 -13.52 -17.92
N ALA A 33 -2.79 -12.39 -17.22
CA ALA A 33 -2.29 -12.33 -15.84
C ALA A 33 -3.18 -13.07 -14.85
N ASP A 34 -4.39 -13.41 -15.28
CA ASP A 34 -5.32 -14.12 -14.42
C ASP A 34 -4.80 -15.50 -13.99
N SER A 35 -3.95 -16.10 -14.83
CA SER A 35 -3.38 -17.42 -14.55
C SER A 35 -2.01 -17.35 -13.86
N ALA A 36 -1.57 -16.15 -13.52
CA ALA A 36 -0.28 -15.97 -12.88
C ALA A 36 -0.34 -15.98 -11.36
N PRO A 37 0.70 -16.52 -10.71
CA PRO A 37 0.76 -16.58 -9.25
C PRO A 37 1.24 -15.22 -8.71
N HIS A 38 1.79 -14.41 -9.60
CA HIS A 38 2.29 -13.07 -9.26
C HIS A 38 2.13 -12.18 -10.48
N THR A 39 1.54 -11.00 -10.25
CA THR A 39 1.33 -10.06 -11.34
C THR A 39 1.84 -8.67 -10.93
N GLU A 40 2.36 -7.93 -11.90
CA GLU A 40 2.88 -6.57 -11.70
C GLU A 40 2.37 -5.65 -12.78
N ALA A 41 1.99 -4.44 -12.41
CA ALA A 41 1.54 -3.44 -13.37
C ALA A 41 2.41 -2.22 -13.12
N VAL A 42 2.85 -1.57 -14.20
CA VAL A 42 3.69 -0.39 -14.06
C VAL A 42 2.86 0.89 -14.02
N LEU A 43 2.95 1.63 -12.93
CA LEU A 43 2.20 2.89 -12.79
C LEU A 43 2.99 4.03 -13.42
N ASP A 44 2.31 5.13 -13.76
CA ASP A 44 2.98 6.28 -14.38
C ASP A 44 4.15 6.74 -13.49
N GLY A 45 5.36 6.74 -14.06
CA GLY A 45 6.52 7.15 -13.31
C GLY A 45 7.48 6.01 -13.02
N GLY A 46 6.99 4.77 -13.13
CA GLY A 46 7.87 3.64 -12.91
C GLY A 46 7.55 2.73 -11.74
N ILE A 47 6.94 3.26 -10.69
CA ILE A 47 6.60 2.44 -9.54
C ILE A 47 5.61 1.37 -10.00
N ARG A 48 5.71 0.17 -9.43
CA ARG A 48 4.84 -0.93 -9.79
C ARG A 48 3.85 -1.28 -8.69
N LEU A 49 2.70 -1.81 -9.10
CA LEU A 49 1.71 -2.29 -8.15
C LEU A 49 1.74 -3.79 -8.45
N ALA A 50 1.89 -4.62 -7.42
CA ALA A 50 1.94 -6.05 -7.63
C ALA A 50 0.90 -6.83 -6.82
N TRP A 51 0.60 -8.03 -7.31
CA TRP A 51 -0.36 -8.92 -6.67
C TRP A 51 0.30 -10.29 -6.53
N ASP A 52 0.22 -10.88 -5.34
CA ASP A 52 0.78 -12.20 -5.08
C ASP A 52 -0.28 -13.06 -4.43
N THR A 53 -0.46 -14.28 -4.92
CA THR A 53 -1.43 -15.17 -4.31
C THR A 53 -0.91 -15.62 -2.95
N VAL A 54 -1.80 -16.09 -2.09
CA VAL A 54 -1.40 -16.55 -0.76
C VAL A 54 -0.34 -17.66 -0.86
N GLU A 55 -0.51 -18.56 -1.83
CA GLU A 55 0.47 -19.65 -2.01
C GLU A 55 1.85 -19.09 -2.35
N THR A 56 1.89 -18.06 -3.20
CA THR A 56 3.17 -17.46 -3.58
C THR A 56 3.85 -16.86 -2.35
N VAL A 57 3.07 -16.15 -1.52
CA VAL A 57 3.61 -15.55 -0.32
C VAL A 57 4.17 -16.63 0.60
N ARG A 58 3.39 -17.69 0.81
CA ARG A 58 3.82 -18.78 1.69
C ARG A 58 5.04 -19.54 1.18
N SER A 59 5.36 -19.39 -0.10
CA SER A 59 6.54 -20.09 -0.64
C SER A 59 7.81 -19.64 0.08
N TYR A 60 7.88 -18.36 0.45
CA TYR A 60 9.05 -17.83 1.17
C TYR A 60 8.70 -17.29 2.55
N ASP A 61 7.40 -17.20 2.83
CA ASP A 61 6.89 -16.71 4.12
C ASP A 61 5.84 -17.74 4.54
N PRO A 62 6.28 -18.95 4.90
CA PRO A 62 5.44 -20.08 5.33
C PRO A 62 4.42 -19.88 6.44
N GLU A 63 4.69 -19.00 7.40
CA GLU A 63 3.77 -18.79 8.51
C GLU A 63 2.74 -17.69 8.30
N TRP A 64 2.71 -17.14 7.09
CA TRP A 64 1.76 -16.07 6.77
C TRP A 64 0.32 -16.51 7.03
N GLN A 65 -0.45 -15.64 7.67
CA GLN A 65 -1.85 -15.88 7.96
C GLN A 65 -2.63 -14.60 7.71
N ALA A 66 -3.80 -14.71 7.09
CA ALA A 66 -4.61 -13.53 6.82
C ALA A 66 -4.87 -12.79 8.13
N PRO A 67 -4.62 -11.47 8.15
CA PRO A 67 -4.85 -10.71 9.39
C PRO A 67 -6.32 -10.48 9.69
N THR A 68 -6.64 -10.28 10.97
CA THR A 68 -8.01 -9.99 11.39
C THR A 68 -7.92 -8.64 12.07
N GLY A 69 -9.02 -7.88 12.06
CA GLY A 69 -9.00 -6.58 12.68
C GLY A 69 -9.03 -5.46 11.65
N GLY A 70 -8.74 -4.24 12.09
CA GLY A 70 -8.75 -3.09 11.19
C GLY A 70 -7.75 -3.12 10.06
N HIS A 71 -8.11 -2.47 8.95
CA HIS A 71 -7.23 -2.40 7.79
C HIS A 71 -5.95 -1.65 8.15
N ARG A 72 -4.84 -2.08 7.60
CA ARG A 72 -3.55 -1.46 7.88
C ARG A 72 -3.21 -0.40 6.84
N PHE A 73 -3.91 -0.40 5.72
CA PHE A 73 -3.60 0.51 4.64
C PHE A 73 -4.81 0.77 3.75
N ALA A 74 -4.61 1.64 2.76
CA ALA A 74 -5.64 1.97 1.78
C ALA A 74 -4.96 2.42 0.49
N ILE A 75 -5.61 2.17 -0.64
CA ILE A 75 -5.10 2.58 -1.95
C ILE A 75 -6.08 3.62 -2.47
N ALA A 76 -5.57 4.81 -2.76
CA ALA A 76 -6.42 5.91 -3.23
C ALA A 76 -6.25 6.24 -4.71
N PHE A 77 -7.37 6.25 -5.44
CA PHE A 77 -7.37 6.56 -6.86
C PHE A 77 -7.91 7.97 -7.07
N GLU A 78 -7.23 8.72 -7.92
CA GLU A 78 -7.65 10.09 -8.23
C GLU A 78 -8.40 10.16 -9.55
N PHE A 79 -9.45 10.97 -9.56
CA PHE A 79 -10.27 11.17 -10.74
C PHE A 79 -10.23 12.66 -11.10
N PRO A 80 -10.56 12.99 -12.36
CA PRO A 80 -10.52 14.41 -12.75
C PRO A 80 -11.61 15.30 -12.12
N ASP A 81 -12.79 14.73 -11.88
CA ASP A 81 -13.88 15.54 -11.32
C ASP A 81 -14.88 14.75 -10.48
N THR A 82 -15.84 15.46 -9.91
CA THR A 82 -16.86 14.86 -9.07
C THR A 82 -17.67 13.83 -9.85
N ALA A 83 -18.08 14.19 -11.06
CA ALA A 83 -18.87 13.31 -11.90
C ALA A 83 -18.23 11.94 -12.08
N SER A 84 -16.93 11.90 -12.35
CA SER A 84 -16.24 10.63 -12.57
C SER A 84 -16.12 9.79 -11.31
N VAL A 85 -15.97 10.45 -10.16
CA VAL A 85 -15.88 9.75 -8.89
C VAL A 85 -17.20 9.04 -8.61
N ASP A 86 -18.28 9.82 -8.61
CA ASP A 86 -19.62 9.30 -8.36
C ASP A 86 -20.00 8.19 -9.34
N LYS A 87 -19.70 8.39 -10.61
CA LYS A 87 -20.02 7.41 -11.64
C LYS A 87 -19.28 6.09 -11.40
N LYS A 88 -18.01 6.18 -11.00
CA LYS A 88 -17.21 4.98 -10.75
C LYS A 88 -17.73 4.23 -9.54
N TYR A 89 -18.08 4.96 -8.48
CA TYR A 89 -18.60 4.34 -7.27
C TYR A 89 -19.82 3.50 -7.62
N ALA A 90 -20.77 4.11 -8.32
CA ALA A 90 -21.99 3.43 -8.72
C ALA A 90 -21.68 2.24 -9.62
N GLU A 91 -20.72 2.41 -10.52
CA GLU A 91 -20.33 1.34 -11.43
C GLU A 91 -19.76 0.14 -10.66
N LEU A 92 -18.91 0.41 -9.67
CA LEU A 92 -18.31 -0.66 -8.89
C LEU A 92 -19.36 -1.37 -8.03
N VAL A 93 -20.23 -0.58 -7.39
CA VAL A 93 -21.28 -1.16 -6.56
C VAL A 93 -22.22 -1.99 -7.43
N ASP A 94 -22.55 -1.47 -8.60
CA ASP A 94 -23.43 -2.16 -9.54
C ASP A 94 -22.79 -3.46 -10.04
N ALA A 95 -21.45 -3.53 -9.95
CA ALA A 95 -20.71 -4.70 -10.40
C ALA A 95 -20.58 -5.73 -9.28
N GLY A 96 -21.17 -5.44 -8.12
CA GLY A 96 -21.12 -6.39 -7.02
C GLY A 96 -20.09 -6.10 -5.94
N TYR A 97 -19.33 -5.02 -6.10
CA TYR A 97 -18.32 -4.68 -5.10
C TYR A 97 -18.93 -3.88 -3.95
N GLU A 98 -18.28 -3.95 -2.79
CA GLU A 98 -18.79 -3.26 -1.61
C GLU A 98 -18.60 -1.75 -1.60
N GLY A 99 -19.71 -1.03 -1.55
CA GLY A 99 -19.67 0.42 -1.47
C GLY A 99 -19.69 0.73 0.01
N HIS A 100 -18.52 1.06 0.55
CA HIS A 100 -18.38 1.33 1.99
C HIS A 100 -18.92 2.69 2.44
N LEU A 101 -18.49 3.76 1.77
CA LEU A 101 -18.95 5.10 2.10
C LEU A 101 -19.25 5.79 0.78
N LYS A 102 -20.52 6.14 0.58
CA LYS A 102 -20.95 6.80 -0.65
C LYS A 102 -20.29 8.18 -0.80
N PRO A 103 -20.17 8.65 -2.06
CA PRO A 103 -19.55 9.95 -2.31
C PRO A 103 -20.05 11.11 -1.46
N TRP A 104 -19.11 11.90 -0.95
CA TRP A 104 -19.42 13.08 -0.15
C TRP A 104 -18.32 14.11 -0.38
N ASN A 105 -18.55 15.34 0.06
CA ASN A 105 -17.56 16.39 -0.10
C ASN A 105 -16.81 16.47 1.21
N ALA A 106 -15.61 15.89 1.21
CA ALA A 106 -14.76 15.83 2.38
C ALA A 106 -14.25 17.19 2.83
N VAL A 107 -14.15 17.34 4.14
CA VAL A 107 -13.71 18.58 4.75
C VAL A 107 -12.35 19.05 4.26
N TRP A 108 -11.55 18.12 3.72
CA TRP A 108 -10.23 18.48 3.22
C TRP A 108 -10.27 18.95 1.75
N GLY A 109 -11.48 19.19 1.24
CA GLY A 109 -11.62 19.71 -0.11
C GLY A 109 -11.57 18.77 -1.29
N GLN A 110 -12.13 17.59 -1.16
CA GLN A 110 -12.16 16.62 -2.24
C GLN A 110 -13.46 15.85 -2.23
N ARG A 111 -13.93 15.48 -3.41
CA ARG A 111 -15.10 14.63 -3.51
C ARG A 111 -14.46 13.30 -3.10
N TYR A 112 -15.07 12.61 -2.15
CA TYR A 112 -14.49 11.36 -1.64
C TYR A 112 -15.50 10.21 -1.52
N ALA A 113 -15.00 8.99 -1.68
CA ALA A 113 -15.85 7.80 -1.58
C ALA A 113 -14.96 6.61 -1.22
N ILE A 114 -15.55 5.58 -0.63
CA ILE A 114 -14.77 4.41 -0.26
C ILE A 114 -15.46 3.09 -0.63
N VAL A 115 -14.70 2.19 -1.24
CA VAL A 115 -15.20 0.88 -1.62
C VAL A 115 -14.17 -0.14 -1.09
N LYS A 116 -14.46 -1.43 -1.25
CA LYS A 116 -13.53 -2.46 -0.79
C LYS A 116 -13.19 -3.32 -1.99
N ASP A 117 -11.94 -3.78 -2.08
CA ASP A 117 -11.58 -4.65 -3.19
C ASP A 117 -12.00 -6.10 -2.86
N PRO A 118 -11.84 -7.02 -3.81
CA PRO A 118 -12.24 -8.41 -3.53
C PRO A 118 -11.64 -9.06 -2.28
N ASP A 119 -10.52 -8.55 -1.81
CA ASP A 119 -9.89 -9.11 -0.62
C ASP A 119 -10.21 -8.30 0.65
N GLY A 120 -11.17 -7.38 0.50
CA GLY A 120 -11.61 -6.56 1.62
C GLY A 120 -10.75 -5.36 1.95
N ASN A 121 -9.80 -5.04 1.08
CA ASN A 121 -8.92 -3.90 1.30
C ASN A 121 -9.66 -2.60 1.03
N VAL A 122 -9.30 -1.55 1.77
CA VAL A 122 -9.93 -0.25 1.60
C VAL A 122 -9.36 0.49 0.40
N VAL A 123 -10.26 0.95 -0.47
CA VAL A 123 -9.87 1.68 -1.68
C VAL A 123 -10.65 2.99 -1.72
N ASP A 124 -9.91 4.10 -1.74
CA ASP A 124 -10.52 5.42 -1.79
C ASP A 124 -10.61 5.92 -3.22
N LEU A 125 -11.70 6.64 -3.51
CA LEU A 125 -11.91 7.24 -4.81
C LEU A 125 -12.02 8.73 -4.50
N PHE A 126 -11.28 9.58 -5.22
CA PHE A 126 -11.38 11.00 -4.95
C PHE A 126 -11.10 11.90 -6.14
N ALA A 127 -11.55 13.15 -6.03
CA ALA A 127 -11.34 14.14 -7.06
C ALA A 127 -11.21 15.47 -6.33
N PRO A 128 -10.36 16.37 -6.83
CA PRO A 128 -10.26 17.64 -6.12
C PRO A 128 -11.50 18.50 -6.36
N LEU A 129 -11.75 19.43 -5.44
CA LEU A 129 -12.84 20.38 -5.54
C LEU A 129 -12.11 21.73 -5.63
N PRO A 130 -11.63 22.08 -6.83
CA PRO A 130 -10.89 23.31 -7.09
C PRO A 130 -11.58 24.65 -6.81
N LEU A 131 -12.90 24.65 -6.75
CA LEU A 131 -13.63 25.89 -6.49
C LEU A 131 -13.56 26.31 -5.02
N GLU A 132 -13.22 25.37 -4.13
CA GLU A 132 -13.13 25.66 -2.70
C GLU A 132 -11.83 26.35 -2.30
N SER B 2 -9.08 7.80 -17.02
CA SER B 2 -9.71 8.84 -16.17
C SER B 2 -9.25 8.69 -14.71
N ALA B 3 -9.02 7.45 -14.27
CA ALA B 3 -8.56 7.21 -12.90
C ALA B 3 -7.09 6.77 -12.87
N ARG B 4 -6.40 7.17 -11.81
CA ARG B 4 -5.00 6.80 -11.67
C ARG B 4 -4.65 6.66 -10.20
N ILE B 5 -3.80 5.70 -9.88
CA ILE B 5 -3.39 5.51 -8.50
C ILE B 5 -2.63 6.76 -8.11
N SER B 6 -2.97 7.31 -6.97
CA SER B 6 -2.34 8.55 -6.52
C SER B 6 -1.68 8.43 -5.15
N LEU B 7 -2.24 7.59 -4.28
CA LEU B 7 -1.70 7.47 -2.94
C LEU B 7 -1.83 6.09 -2.30
N PHE B 8 -0.85 5.74 -1.48
CA PHE B 8 -0.83 4.49 -0.72
C PHE B 8 -0.69 4.98 0.72
N ALA B 9 -1.67 4.68 1.56
CA ALA B 9 -1.65 5.13 2.94
C ALA B 9 -1.61 4.00 3.95
N VAL B 10 -0.91 4.23 5.06
CA VAL B 10 -0.84 3.23 6.11
C VAL B 10 -1.36 3.85 7.41
N VAL B 11 -2.05 3.05 8.20
CA VAL B 11 -2.62 3.49 9.47
C VAL B 11 -1.54 3.35 10.54
N VAL B 12 -1.28 4.43 11.28
CA VAL B 12 -0.24 4.38 12.31
C VAL B 12 -0.79 4.61 13.72
N GLU B 13 -0.34 3.80 14.66
CA GLU B 13 -0.78 3.95 16.05
C GLU B 13 -0.03 5.16 16.61
N ASP B 14 1.18 5.37 16.11
CA ASP B 14 2.02 6.50 16.53
C ASP B 14 2.78 7.07 15.33
N MET B 15 2.36 8.25 14.89
CA MET B 15 2.97 8.93 13.75
C MET B 15 4.49 9.04 13.87
N ALA B 16 4.96 9.50 15.01
CA ALA B 16 6.40 9.66 15.25
C ALA B 16 7.16 8.34 15.11
N LYS B 17 6.62 7.27 15.72
CA LYS B 17 7.26 5.96 15.66
C LYS B 17 7.34 5.46 14.23
N SER B 18 6.27 5.67 13.46
CA SER B 18 6.22 5.23 12.08
C SER B 18 7.18 6.01 11.19
N LEU B 19 7.10 7.33 11.25
CA LEU B 19 7.94 8.21 10.43
C LEU B 19 9.42 8.00 10.65
N GLU B 20 9.84 7.74 11.88
CA GLU B 20 11.26 7.54 12.16
C GLU B 20 11.76 6.24 11.52
N PHE B 21 10.87 5.27 11.35
CA PHE B 21 11.24 4.02 10.72
C PHE B 21 11.49 4.30 9.24
N TYR B 22 10.54 4.98 8.60
CA TYR B 22 10.67 5.28 7.19
C TYR B 22 11.80 6.24 6.84
N ARG B 23 12.12 7.15 7.76
CA ARG B 23 13.21 8.09 7.49
C ARG B 23 14.49 7.27 7.42
N LYS B 24 14.49 6.14 8.12
CA LYS B 24 15.65 5.24 8.14
C LYS B 24 15.79 4.52 6.80
N LEU B 25 14.73 4.53 5.99
CA LEU B 25 14.76 3.90 4.68
C LEU B 25 14.90 4.95 3.58
N GLY B 26 15.36 6.14 3.95
CA GLY B 26 15.56 7.18 2.96
C GLY B 26 14.36 8.03 2.57
N VAL B 27 13.22 7.85 3.24
CA VAL B 27 12.06 8.64 2.90
C VAL B 27 12.22 10.02 3.55
N GLU B 28 12.17 11.06 2.72
CA GLU B 28 12.33 12.42 3.23
C GLU B 28 11.06 12.90 3.92
N ILE B 29 11.10 13.01 5.24
CA ILE B 29 9.94 13.47 5.98
C ILE B 29 10.30 14.54 7.00
N PRO B 30 9.67 15.71 6.90
CA PRO B 30 9.93 16.82 7.82
C PRO B 30 9.70 16.39 9.28
N ALA B 31 10.59 16.85 10.16
CA ALA B 31 10.53 16.53 11.58
C ALA B 31 9.22 16.88 12.25
N GLU B 32 8.62 18.00 11.84
CA GLU B 32 7.37 18.45 12.44
C GLU B 32 6.19 17.57 12.06
N ALA B 33 6.37 16.68 11.09
CA ALA B 33 5.28 15.80 10.67
C ALA B 33 4.96 14.78 11.76
N ASP B 34 5.90 14.63 12.69
CA ASP B 34 5.76 13.71 13.81
C ASP B 34 4.52 14.01 14.63
N SER B 35 4.16 15.29 14.70
CA SER B 35 3.00 15.72 15.48
C SER B 35 1.75 15.97 14.65
N ALA B 36 1.77 15.51 13.40
CA ALA B 36 0.63 15.68 12.51
C ALA B 36 -0.21 14.41 12.52
N PRO B 37 -1.53 14.54 12.26
CA PRO B 37 -2.45 13.39 12.24
C PRO B 37 -2.40 12.73 10.87
N HIS B 38 -1.78 13.41 9.91
CA HIS B 38 -1.64 12.93 8.55
C HIS B 38 -0.34 13.45 7.96
N THR B 39 0.40 12.58 7.30
CA THR B 39 1.66 12.94 6.66
C THR B 39 1.71 12.35 5.25
N GLU B 40 2.41 13.02 4.35
CA GLU B 40 2.52 12.56 2.95
C GLU B 40 3.94 12.76 2.43
N ALA B 41 4.37 11.88 1.54
CA ALA B 41 5.70 12.00 0.93
C ALA B 41 5.53 11.70 -0.54
N VAL B 42 6.05 12.58 -1.39
CA VAL B 42 5.93 12.41 -2.83
C VAL B 42 7.05 11.54 -3.37
N LEU B 43 6.66 10.49 -4.09
CA LEU B 43 7.59 9.52 -4.67
C LEU B 43 7.71 9.70 -6.19
N ASP B 44 8.42 8.77 -6.81
CA ASP B 44 8.61 8.79 -8.26
C ASP B 44 7.29 8.89 -9.02
N GLY B 45 7.23 9.81 -9.97
CA GLY B 45 6.02 9.97 -10.76
C GLY B 45 4.87 10.71 -10.11
N GLY B 46 5.05 11.17 -8.87
CA GLY B 46 3.98 11.90 -8.21
C GLY B 46 3.13 11.09 -7.25
N ILE B 47 3.29 9.78 -7.26
CA ILE B 47 2.53 8.92 -6.35
C ILE B 47 3.00 9.24 -4.94
N ARG B 48 2.08 9.22 -3.99
CA ARG B 48 2.43 9.53 -2.62
C ARG B 48 2.23 8.38 -1.65
N LEU B 49 3.07 8.37 -0.61
CA LEU B 49 2.95 7.41 0.47
C LEU B 49 2.41 8.30 1.58
N ALA B 50 1.36 7.86 2.26
CA ALA B 50 0.78 8.65 3.32
C ALA B 50 0.63 7.86 4.62
N TRP B 51 0.51 8.60 5.72
CA TRP B 51 0.34 8.02 7.05
C TRP B 51 -0.83 8.73 7.72
N ASP B 52 -1.69 7.96 8.40
CA ASP B 52 -2.83 8.52 9.09
C ASP B 52 -2.96 7.88 10.45
N THR B 53 -3.04 8.68 11.50
CA THR B 53 -3.16 8.13 12.84
C THR B 53 -4.45 7.32 12.99
N VAL B 54 -4.46 6.42 13.94
CA VAL B 54 -5.64 5.60 14.19
C VAL B 54 -6.86 6.48 14.50
N GLU B 55 -6.65 7.59 15.20
CA GLU B 55 -7.75 8.50 15.55
C GLU B 55 -8.36 9.11 14.29
N THR B 56 -7.48 9.52 13.38
CA THR B 56 -7.90 10.10 12.11
C THR B 56 -8.76 9.04 11.43
N VAL B 57 -8.27 7.81 11.43
CA VAL B 57 -8.98 6.68 10.81
C VAL B 57 -10.30 6.37 11.50
N ARG B 58 -10.28 6.25 12.82
CA ARG B 58 -11.49 5.94 13.60
C ARG B 58 -12.53 7.04 13.46
N SER B 59 -12.17 8.12 12.81
CA SER B 59 -13.09 9.23 12.58
C SER B 59 -14.20 8.69 11.69
N TYR B 60 -13.81 8.11 10.57
CA TYR B 60 -14.71 7.52 9.57
C TYR B 60 -14.76 6.00 9.72
N ASP B 61 -14.40 5.49 10.90
CA ASP B 61 -14.38 4.06 11.18
C ASP B 61 -14.12 3.88 12.68
N PRO B 62 -15.11 4.23 13.51
CA PRO B 62 -14.99 4.12 14.97
C PRO B 62 -14.74 2.71 15.46
N GLU B 63 -15.03 1.75 14.58
CA GLU B 63 -14.86 0.33 14.91
C GLU B 63 -13.41 -0.13 14.85
N TRP B 64 -12.65 0.43 13.92
CA TRP B 64 -11.25 0.07 13.73
C TRP B 64 -10.58 -0.44 14.99
N GLN B 65 -9.96 -1.61 14.87
CA GLN B 65 -9.25 -2.24 15.98
C GLN B 65 -7.92 -2.73 15.42
N ALA B 66 -6.83 -2.48 16.15
CA ALA B 66 -5.52 -2.91 15.70
C ALA B 66 -5.61 -4.35 15.25
N PRO B 67 -5.11 -4.66 14.03
CA PRO B 67 -5.18 -6.03 13.54
C PRO B 67 -4.05 -6.91 14.06
N THR B 68 -4.11 -8.18 13.70
CA THR B 68 -3.09 -9.13 14.08
C THR B 68 -3.03 -10.13 12.93
N GLY B 69 -1.82 -10.58 12.62
CA GLY B 69 -1.64 -11.52 11.54
C GLY B 69 -0.70 -10.99 10.47
N GLY B 70 -0.59 -11.76 9.40
CA GLY B 70 0.27 -11.38 8.31
C GLY B 70 -0.19 -10.13 7.59
N HIS B 71 0.60 -9.72 6.61
CA HIS B 71 0.30 -8.53 5.84
C HIS B 71 -0.62 -8.78 4.65
N ARG B 72 -1.36 -7.75 4.27
CA ARG B 72 -2.24 -7.80 3.11
C ARG B 72 -1.58 -6.84 2.12
N PHE B 73 -0.58 -6.10 2.64
CA PHE B 73 0.12 -5.06 1.88
C PHE B 73 1.61 -4.97 2.24
N ALA B 74 2.45 -4.77 1.21
CA ALA B 74 3.89 -4.64 1.40
C ALA B 74 4.46 -3.50 0.56
N ILE B 75 5.52 -2.90 1.07
CA ILE B 75 6.22 -1.81 0.40
C ILE B 75 7.64 -2.31 0.11
N ALA B 76 8.05 -2.28 -1.16
CA ALA B 76 9.39 -2.76 -1.52
C ALA B 76 10.36 -1.64 -1.89
N PHE B 77 11.48 -1.60 -1.18
CA PHE B 77 12.54 -0.61 -1.39
C PHE B 77 13.71 -1.22 -2.17
N GLU B 78 14.11 -0.56 -3.27
CA GLU B 78 15.24 -1.03 -4.06
C GLU B 78 16.51 -0.30 -3.64
N PHE B 79 17.60 -1.05 -3.53
CA PHE B 79 18.89 -0.50 -3.14
C PHE B 79 19.90 -0.50 -4.30
N PRO B 80 20.90 0.39 -4.24
CA PRO B 80 21.93 0.51 -5.28
C PRO B 80 22.81 -0.73 -5.48
N ASP B 81 23.02 -1.51 -4.41
CA ASP B 81 23.81 -2.72 -4.49
C ASP B 81 23.34 -3.71 -3.45
N THR B 82 23.82 -4.94 -3.55
CA THR B 82 23.41 -6.00 -2.63
C THR B 82 23.92 -5.80 -1.21
N ALA B 83 25.14 -5.26 -1.05
CA ALA B 83 25.70 -5.03 0.27
C ALA B 83 24.83 -4.08 1.09
N SER B 84 24.15 -3.17 0.39
CA SER B 84 23.27 -2.20 1.03
C SER B 84 22.04 -2.86 1.67
N VAL B 85 21.59 -3.98 1.10
CA VAL B 85 20.44 -4.71 1.63
C VAL B 85 20.77 -5.31 2.99
N ASP B 86 21.87 -6.05 3.06
CA ASP B 86 22.32 -6.67 4.30
C ASP B 86 22.58 -5.60 5.38
N LYS B 87 23.21 -4.51 4.96
CA LYS B 87 23.55 -3.43 5.87
C LYS B 87 22.29 -2.78 6.46
N LYS B 88 21.33 -2.44 5.61
CA LYS B 88 20.11 -1.82 6.09
C LYS B 88 19.32 -2.75 7.01
N TYR B 89 19.30 -4.04 6.69
CA TYR B 89 18.59 -5.01 7.51
C TYR B 89 19.14 -5.06 8.92
N ALA B 90 20.47 -5.10 9.02
CA ALA B 90 21.15 -5.16 10.30
C ALA B 90 20.90 -3.88 11.09
N GLU B 91 20.92 -2.75 10.40
CA GLU B 91 20.71 -1.45 11.02
C GLU B 91 19.31 -1.35 11.61
N LEU B 92 18.30 -1.75 10.82
CA LEU B 92 16.93 -1.67 11.29
C LEU B 92 16.69 -2.61 12.48
N VAL B 93 17.26 -3.81 12.40
CA VAL B 93 17.10 -4.76 13.49
C VAL B 93 17.79 -4.22 14.75
N ASP B 94 18.91 -3.52 14.56
CA ASP B 94 19.64 -2.94 15.67
C ASP B 94 18.88 -1.75 16.26
N ALA B 95 18.09 -1.09 15.43
CA ALA B 95 17.31 0.06 15.87
C ALA B 95 16.08 -0.45 16.62
N GLY B 96 15.92 -1.77 16.68
CA GLY B 96 14.79 -2.35 17.40
C GLY B 96 13.60 -2.77 16.56
N TYR B 97 13.73 -2.68 15.24
CA TYR B 97 12.63 -3.06 14.37
C TYR B 97 12.62 -4.56 14.10
N GLU B 98 11.46 -5.08 13.70
CA GLU B 98 11.27 -6.49 13.44
C GLU B 98 11.89 -7.06 12.17
N GLY B 99 12.90 -7.92 12.34
CA GLY B 99 13.53 -8.56 11.20
C GLY B 99 12.73 -9.81 10.92
N HIS B 100 11.99 -9.83 9.82
CA HIS B 100 11.15 -10.97 9.45
C HIS B 100 11.89 -12.13 8.78
N LEU B 101 12.59 -11.84 7.70
CA LEU B 101 13.35 -12.85 6.97
C LEU B 101 14.71 -12.25 6.65
N LYS B 102 15.77 -12.86 7.16
CA LYS B 102 17.11 -12.35 6.92
C LYS B 102 17.53 -12.40 5.45
N PRO B 103 18.49 -11.54 5.06
CA PRO B 103 18.94 -11.50 3.67
C PRO B 103 19.27 -12.85 3.05
N TRP B 104 18.85 -13.01 1.80
CA TRP B 104 19.10 -14.23 1.06
C TRP B 104 19.08 -13.92 -0.43
N ASN B 105 19.64 -14.82 -1.24
CA ASN B 105 19.65 -14.64 -2.68
C ASN B 105 18.36 -15.29 -3.21
N ALA B 106 17.33 -14.48 -3.41
CA ALA B 106 16.05 -14.99 -3.88
C ALA B 106 16.16 -15.63 -5.26
N VAL B 107 15.35 -16.66 -5.51
CA VAL B 107 15.39 -17.36 -6.80
C VAL B 107 15.02 -16.49 -7.99
N TRP B 108 14.36 -15.36 -7.74
CA TRP B 108 14.00 -14.47 -8.83
C TRP B 108 15.13 -13.52 -9.23
N GLY B 109 16.31 -13.71 -8.63
CA GLY B 109 17.46 -12.90 -9.00
C GLY B 109 17.74 -11.61 -8.23
N GLN B 110 17.45 -11.61 -6.93
CA GLN B 110 17.68 -10.42 -6.11
C GLN B 110 18.12 -10.77 -4.70
N ARG B 111 18.99 -9.93 -4.14
CA ARG B 111 19.39 -10.09 -2.75
C ARG B 111 18.12 -9.53 -2.10
N TYR B 112 17.51 -10.33 -1.24
CA TYR B 112 16.23 -9.96 -0.63
C TYR B 112 16.21 -10.10 0.88
N ALA B 113 15.45 -9.23 1.56
CA ALA B 113 15.30 -9.25 3.00
C ALA B 113 13.93 -8.65 3.35
N ILE B 114 13.35 -9.08 4.47
CA ILE B 114 12.04 -8.57 4.86
C ILE B 114 11.99 -8.17 6.32
N VAL B 115 11.43 -7.00 6.58
CA VAL B 115 11.27 -6.51 7.94
C VAL B 115 9.82 -6.07 8.03
N LYS B 116 9.38 -5.65 9.23
CA LYS B 116 8.03 -5.16 9.41
C LYS B 116 8.13 -3.79 10.03
N ASP B 117 7.29 -2.87 9.58
CA ASP B 117 7.34 -1.52 10.13
C ASP B 117 6.64 -1.53 11.50
N PRO B 118 6.71 -0.40 12.25
CA PRO B 118 6.06 -0.37 13.58
C PRO B 118 4.58 -0.78 13.66
N ASP B 119 3.88 -0.76 12.53
CA ASP B 119 2.47 -1.12 12.51
C ASP B 119 2.10 -2.46 11.87
N GLY B 120 3.11 -3.30 11.65
CA GLY B 120 2.87 -4.61 11.08
C GLY B 120 2.90 -4.71 9.56
N ASN B 121 3.19 -3.61 8.87
CA ASN B 121 3.25 -3.67 7.41
C ASN B 121 4.59 -4.28 7.02
N VAL B 122 4.56 -5.07 5.95
CA VAL B 122 5.76 -5.72 5.48
C VAL B 122 6.54 -4.81 4.55
N VAL B 123 7.86 -4.75 4.79
CA VAL B 123 8.75 -3.94 3.99
C VAL B 123 9.86 -4.83 3.41
N ASP B 124 9.91 -4.89 2.09
CA ASP B 124 10.90 -5.68 1.37
C ASP B 124 12.12 -4.81 1.03
N LEU B 125 13.31 -5.39 1.19
CA LEU B 125 14.56 -4.70 0.89
C LEU B 125 15.21 -5.54 -0.21
N PHE B 126 15.54 -4.93 -1.35
CA PHE B 126 16.14 -5.70 -2.42
C PHE B 126 17.10 -4.95 -3.35
N ALA B 127 17.93 -5.71 -4.05
CA ALA B 127 18.87 -5.18 -5.01
C ALA B 127 19.12 -6.30 -6.00
N PRO B 128 19.28 -5.97 -7.29
CA PRO B 128 19.52 -7.02 -8.29
C PRO B 128 20.86 -7.72 -8.09
N LEU B 129 20.90 -9.02 -8.37
CA LEU B 129 22.13 -9.79 -8.23
C LEU B 129 22.97 -9.62 -9.49
#